data_4BWQ
#
_entry.id   4BWQ
#
_cell.length_a   77.220
_cell.length_b   40.040
_cell.length_c   118.770
_cell.angle_alpha   90.00
_cell.angle_beta   93.45
_cell.angle_gamma   90.00
#
_symmetry.space_group_name_H-M   'P 1 2 1'
#
loop_
_entity.id
_entity.type
_entity.pdbx_description
1 polymer 'THIOREDOXIN-LIKE PROTEIN 4A'
2 polymer 'POLYGLUTAMINE-BINDING PROTEIN 1'
3 water water
#
loop_
_entity_poly.entity_id
_entity_poly.type
_entity_poly.pdbx_seq_one_letter_code
_entity_poly.pdbx_strand_id
1 'polypeptide(L)'
;MAHHHHHHMLPHLHNGWQVDQAILSEEDRVVVIRFGHDWDPTCMKMDEVLYSIAEKVKNFAVIYLVDITEVPDFNKMYEL
YDPCTVMFFFRNKHIMIDLGTGNNNKINWAMEDKQEMVDIIETVYRGARKGRGLVVSPKDYS
;
A,C,E,G
2 'polypeptide(L)' KRNEAKTGADTTAAGPLFQQRPYPSPGAVLRANAEASRTKQQD B,D,F,H
#
# COMPACT_ATOMS: atom_id res chain seq x y z
N MET A 9 8.13 -4.12 -5.67
CA MET A 9 6.94 -4.67 -5.02
C MET A 9 6.14 -5.63 -5.93
N LEU A 10 5.64 -5.13 -7.05
CA LEU A 10 4.99 -5.96 -8.07
C LEU A 10 5.91 -6.05 -9.27
N PRO A 11 5.93 -7.19 -9.98
CA PRO A 11 6.92 -7.33 -11.05
C PRO A 11 6.70 -6.36 -12.22
N HIS A 12 7.80 -5.85 -12.77
CA HIS A 12 7.79 -4.92 -13.91
C HIS A 12 8.30 -5.60 -15.16
N LEU A 13 7.83 -5.17 -16.33
CA LEU A 13 8.26 -5.71 -17.63
C LEU A 13 8.96 -4.60 -18.46
N HIS A 14 10.18 -4.86 -18.89
CA HIS A 14 11.08 -3.75 -19.29
C HIS A 14 11.31 -3.53 -20.79
N ASN A 15 10.73 -4.39 -21.63
CA ASN A 15 10.72 -4.17 -23.07
C ASN A 15 9.56 -4.95 -23.69
N GLY A 16 9.42 -4.86 -25.00
CA GLY A 16 8.34 -5.52 -25.69
C GLY A 16 8.39 -7.03 -25.59
N TRP A 17 9.60 -7.58 -25.67
CA TRP A 17 9.80 -9.01 -25.61
C TRP A 17 9.30 -9.55 -24.28
N GLN A 18 9.61 -8.83 -23.20
CA GLN A 18 9.21 -9.28 -21.87
C GLN A 18 7.69 -9.24 -21.72
N VAL A 19 7.03 -8.29 -22.42
CA VAL A 19 5.58 -8.17 -22.33
C VAL A 19 4.92 -9.35 -23.04
N ASP A 20 5.37 -9.62 -24.26
CA ASP A 20 4.99 -10.82 -25.00
C ASP A 20 5.19 -12.08 -24.15
N GLN A 21 6.36 -12.22 -23.52
CA GLN A 21 6.65 -13.40 -22.71
C GLN A 21 5.65 -13.54 -21.53
N ALA A 22 5.32 -12.44 -20.87
CA ALA A 22 4.35 -12.49 -19.77
C ALA A 22 2.98 -12.97 -20.23
N ILE A 23 2.53 -12.49 -21.39
CA ILE A 23 1.21 -12.84 -21.88
C ILE A 23 1.17 -14.31 -22.33
N LEU A 24 2.23 -14.76 -23.01
CA LEU A 24 2.33 -16.15 -23.43
C LEU A 24 2.57 -17.14 -22.29
N SER A 25 2.89 -16.65 -21.11
CA SER A 25 3.35 -17.51 -20.02
C SER A 25 2.22 -18.21 -19.27
N GLU A 26 1.04 -17.62 -19.29
CA GLU A 26 -0.07 -18.07 -18.47
C GLU A 26 -1.15 -18.75 -19.31
N GLU A 27 -1.40 -20.01 -18.99
CA GLU A 27 -2.46 -20.77 -19.63
C GLU A 27 -3.74 -20.74 -18.81
N ASP A 28 -3.65 -20.36 -17.54
CA ASP A 28 -4.76 -20.62 -16.62
C ASP A 28 -5.09 -19.46 -15.71
N ARG A 29 -4.37 -18.35 -15.88
CA ARG A 29 -4.63 -17.16 -15.11
C ARG A 29 -4.78 -15.96 -16.04
N VAL A 30 -5.51 -14.96 -15.57
CA VAL A 30 -5.63 -13.71 -16.29
C VAL A 30 -4.34 -12.91 -16.10
N VAL A 31 -3.80 -12.37 -17.18
CA VAL A 31 -2.67 -11.47 -17.05
C VAL A 31 -3.17 -10.03 -16.98
N VAL A 32 -2.88 -9.38 -15.86
CA VAL A 32 -3.34 -8.03 -15.63
C VAL A 32 -2.14 -7.10 -15.76
N ILE A 33 -2.22 -6.18 -16.72
CA ILE A 33 -1.14 -5.22 -16.97
C ILE A 33 -1.56 -3.82 -16.56
N ARG A 34 -0.73 -3.13 -15.79
CA ARG A 34 -0.95 -1.72 -15.54
C ARG A 34 0.07 -0.92 -16.37
N PHE A 35 -0.43 -0.17 -17.33
CA PHE A 35 0.38 0.74 -18.14
C PHE A 35 0.31 2.15 -17.58
N GLY A 36 1.47 2.76 -17.38
CA GLY A 36 1.54 4.10 -16.84
C GLY A 36 2.95 4.33 -16.33
N HIS A 37 3.07 4.97 -15.16
CA HIS A 37 4.37 5.19 -14.54
C HIS A 37 4.21 5.09 -13.04
N ASP A 38 5.18 4.45 -12.38
CA ASP A 38 5.12 4.28 -10.93
C ASP A 38 5.04 5.63 -10.20
N TRP A 39 5.61 6.66 -10.82
CA TRP A 39 5.63 7.99 -10.22
C TRP A 39 4.38 8.80 -10.51
N ASP A 40 3.53 8.33 -11.41
CA ASP A 40 2.30 9.06 -11.66
C ASP A 40 1.31 8.88 -10.51
N PRO A 41 0.71 9.99 -10.06
CA PRO A 41 -0.17 9.96 -8.88
C PRO A 41 -1.36 8.99 -9.00
N THR A 42 -2.02 8.97 -10.15
CA THR A 42 -3.14 8.05 -10.37
C THR A 42 -2.64 6.62 -10.27
N CYS A 43 -1.48 6.39 -10.86
CA CYS A 43 -0.91 5.06 -10.87
C CYS A 43 -0.59 4.58 -9.47
N MET A 44 -0.04 5.46 -8.63
CA MET A 44 0.29 5.07 -7.25
C MET A 44 -0.92 4.54 -6.51
N LYS A 45 -2.07 5.17 -6.75
CA LYS A 45 -3.30 4.75 -6.10
C LYS A 45 -3.72 3.39 -6.60
N MET A 46 -3.73 3.23 -7.92
CA MET A 46 -4.03 1.96 -8.52
C MET A 46 -3.01 0.91 -8.08
N ASP A 47 -1.74 1.27 -8.04
CA ASP A 47 -0.70 0.31 -7.69
C ASP A 47 -0.86 -0.21 -6.26
N GLU A 48 -1.28 0.66 -5.34
CA GLU A 48 -1.52 0.19 -3.98
C GLU A 48 -2.70 -0.77 -3.91
N VAL A 49 -3.70 -0.57 -4.77
CA VAL A 49 -4.79 -1.53 -4.83
C VAL A 49 -4.30 -2.89 -5.36
N LEU A 50 -3.61 -2.89 -6.51
CA LEU A 50 -3.13 -4.15 -7.08
C LEU A 50 -2.19 -4.88 -6.11
N TYR A 51 -1.25 -4.16 -5.52
CA TYR A 51 -0.34 -4.74 -4.54
C TYR A 51 -1.12 -5.44 -3.42
N SER A 52 -2.17 -4.79 -2.93
CA SER A 52 -2.96 -5.31 -1.82
C SER A 52 -3.73 -6.60 -2.16
N ILE A 53 -4.24 -6.69 -3.38
CA ILE A 53 -5.10 -7.81 -3.74
C ILE A 53 -4.35 -8.90 -4.48
N ALA A 54 -3.07 -8.67 -4.76
CA ALA A 54 -2.28 -9.65 -5.48
C ALA A 54 -2.35 -11.05 -4.88
N GLU A 55 -2.12 -11.19 -3.57
CA GLU A 55 -2.21 -12.51 -2.95
C GLU A 55 -3.59 -13.14 -3.11
N LYS A 56 -4.63 -12.35 -2.86
CA LYS A 56 -6.00 -12.82 -2.95
C LYS A 56 -6.37 -13.42 -4.30
N VAL A 57 -5.81 -12.87 -5.38
CA VAL A 57 -6.21 -13.29 -6.72
C VAL A 57 -5.19 -14.21 -7.37
N LYS A 58 -4.13 -14.55 -6.66
CA LYS A 58 -2.98 -15.26 -7.23
C LYS A 58 -3.31 -16.61 -7.87
N ASN A 59 -4.43 -17.23 -7.52
CA ASN A 59 -4.73 -18.50 -8.15
C ASN A 59 -5.36 -18.34 -9.52
N PHE A 60 -5.82 -17.13 -9.82
CA PHE A 60 -6.48 -16.91 -11.11
C PHE A 60 -6.07 -15.62 -11.84
N ALA A 61 -5.18 -14.83 -11.24
CA ALA A 61 -4.60 -13.68 -11.93
C ALA A 61 -3.13 -13.41 -11.55
N VAL A 62 -2.35 -12.91 -12.51
CA VAL A 62 -1.02 -12.42 -12.23
C VAL A 62 -0.89 -10.97 -12.73
N ILE A 63 -0.22 -10.12 -11.95
CA ILE A 63 -0.17 -8.68 -12.20
C ILE A 63 1.23 -8.15 -12.58
N TYR A 64 1.33 -7.39 -13.67
CA TYR A 64 2.60 -6.81 -14.09
C TYR A 64 2.47 -5.31 -14.29
N LEU A 65 3.53 -4.58 -14.01
CA LEU A 65 3.56 -3.15 -14.30
C LEU A 65 4.44 -2.83 -15.51
N VAL A 66 3.98 -1.92 -16.34
CA VAL A 66 4.73 -1.48 -17.49
C VAL A 66 4.84 0.04 -17.48
N ASP A 67 6.07 0.53 -17.58
CA ASP A 67 6.31 1.97 -17.70
C ASP A 67 6.27 2.28 -19.19
N ILE A 68 5.34 3.14 -19.59
CA ILE A 68 5.11 3.37 -21.01
C ILE A 68 6.06 4.39 -21.64
N THR A 69 7.07 4.87 -20.90
CA THR A 69 8.16 5.61 -21.54
C THR A 69 9.30 4.64 -21.79
N GLU A 70 9.67 3.89 -20.75
CA GLU A 70 10.63 2.80 -20.93
C GLU A 70 10.16 1.82 -22.01
N VAL A 71 8.86 1.51 -22.02
CA VAL A 71 8.33 0.56 -22.99
C VAL A 71 7.17 1.20 -23.76
N PRO A 72 7.49 1.96 -24.83
CA PRO A 72 6.41 2.70 -25.51
C PRO A 72 5.75 1.94 -26.65
N ASP A 73 6.12 0.67 -26.82
CA ASP A 73 5.66 -0.11 -27.97
C ASP A 73 4.14 -0.20 -28.17
N PHE A 74 3.40 -0.22 -27.07
CA PHE A 74 1.96 -0.49 -27.17
C PHE A 74 1.10 0.77 -27.09
N ASN A 75 1.73 1.92 -26.90
CA ASN A 75 1.01 3.18 -26.70
C ASN A 75 0.00 3.56 -27.78
N LYS A 76 0.35 3.31 -29.04
CA LYS A 76 -0.49 3.70 -30.15
C LYS A 76 -1.66 2.73 -30.29
N MET A 77 -1.35 1.43 -30.39
CA MET A 77 -2.39 0.44 -30.60
C MET A 77 -3.29 0.22 -29.37
N TYR A 78 -2.77 0.42 -28.16
CA TYR A 78 -3.61 0.30 -26.97
C TYR A 78 -4.10 1.67 -26.50
N GLU A 79 -3.83 2.69 -27.31
CA GLU A 79 -4.25 4.07 -27.06
C GLU A 79 -3.98 4.52 -25.63
N LEU A 80 -2.77 4.25 -25.16
CA LEU A 80 -2.42 4.54 -23.79
C LEU A 80 -2.24 6.04 -23.58
N TYR A 81 -3.35 6.77 -23.52
CA TYR A 81 -3.30 8.23 -23.42
C TYR A 81 -3.73 8.71 -22.04
N ASP A 82 -4.32 7.79 -21.27
CA ASP A 82 -4.65 8.06 -19.89
C ASP A 82 -3.38 7.88 -19.09
N PRO A 83 -3.30 8.53 -17.91
CA PRO A 83 -2.16 8.37 -16.99
C PRO A 83 -2.02 6.93 -16.50
N CYS A 84 -3.14 6.32 -16.16
CA CYS A 84 -3.14 4.97 -15.63
C CYS A 84 -4.10 4.10 -16.42
N THR A 85 -3.61 2.96 -16.90
CA THR A 85 -4.40 2.06 -17.70
C THR A 85 -4.19 0.61 -17.29
N VAL A 86 -5.28 -0.05 -16.91
CA VAL A 86 -5.23 -1.46 -16.59
C VAL A 86 -6.03 -2.28 -17.59
N MET A 87 -5.36 -3.21 -18.24
CA MET A 87 -6.00 -4.06 -19.22
C MET A 87 -5.86 -5.49 -18.80
N PHE A 88 -6.70 -6.34 -19.37
CA PHE A 88 -6.74 -7.76 -19.04
C PHE A 88 -6.55 -8.62 -20.28
N PHE A 89 -5.80 -9.72 -20.10
CA PHE A 89 -5.55 -10.68 -21.17
C PHE A 89 -5.69 -12.09 -20.62
N PHE A 90 -6.08 -13.04 -21.47
CA PHE A 90 -6.21 -14.43 -21.07
C PHE A 90 -5.90 -15.30 -22.25
N ARG A 91 -4.89 -16.15 -22.10
CA ARG A 91 -4.46 -17.03 -23.17
C ARG A 91 -4.18 -16.25 -24.45
N ASN A 92 -3.48 -15.12 -24.31
CA ASN A 92 -3.01 -14.32 -25.44
C ASN A 92 -4.16 -13.63 -26.19
N LYS A 93 -5.23 -13.33 -25.46
CA LYS A 93 -6.32 -12.59 -26.04
C LYS A 93 -6.69 -11.47 -25.09
N HIS A 94 -6.83 -10.27 -25.64
CA HIS A 94 -7.32 -9.13 -24.87
C HIS A 94 -8.75 -9.41 -24.46
N ILE A 95 -9.06 -9.23 -23.18
CA ILE A 95 -10.42 -9.46 -22.70
C ILE A 95 -11.09 -8.14 -22.34
N MET A 96 -12.26 -7.89 -22.92
CA MET A 96 -12.98 -6.66 -22.69
C MET A 96 -13.93 -6.83 -21.51
N ILE A 97 -14.20 -5.75 -20.78
CA ILE A 97 -15.20 -5.79 -19.73
C ILE A 97 -16.10 -4.58 -19.80
N ASP A 98 -17.42 -4.78 -19.74
CA ASP A 98 -18.32 -3.66 -19.73
C ASP A 98 -18.43 -3.14 -18.30
N LEU A 99 -17.82 -1.98 -18.06
CA LEU A 99 -17.86 -1.37 -16.75
C LEU A 99 -18.93 -0.30 -16.67
N GLY A 100 -19.66 -0.09 -17.76
CA GLY A 100 -20.67 0.96 -17.83
C GLY A 100 -20.08 2.32 -18.14
N THR A 101 -18.78 2.35 -18.42
CA THR A 101 -18.08 3.62 -18.58
C THR A 101 -18.08 4.12 -20.01
N GLY A 102 -18.45 3.25 -20.95
CA GLY A 102 -18.36 3.61 -22.36
C GLY A 102 -17.08 3.10 -22.99
N ASN A 103 -16.09 2.76 -22.16
CA ASN A 103 -14.85 2.14 -22.65
C ASN A 103 -14.71 0.74 -22.06
N ASN A 104 -14.88 -0.28 -22.91
CA ASN A 104 -14.88 -1.65 -22.44
C ASN A 104 -13.53 -2.32 -22.58
N ASN A 105 -12.54 -1.57 -23.06
CA ASN A 105 -11.22 -2.12 -23.34
C ASN A 105 -10.19 -1.94 -22.24
N LYS A 106 -10.56 -1.21 -21.20
CA LYS A 106 -9.58 -0.81 -20.20
C LYS A 106 -10.23 -0.20 -18.99
N ILE A 107 -9.57 -0.34 -17.85
CA ILE A 107 -9.91 0.44 -16.67
C ILE A 107 -8.93 1.59 -16.64
N ASN A 108 -9.44 2.80 -16.78
CA ASN A 108 -8.58 3.95 -16.93
C ASN A 108 -8.77 5.01 -15.85
N TRP A 109 -9.04 4.56 -14.62
CA TRP A 109 -9.07 5.45 -13.47
C TRP A 109 -8.62 4.63 -12.29
N ALA A 110 -8.27 5.30 -11.19
CA ALA A 110 -7.77 4.65 -9.99
C ALA A 110 -8.91 4.11 -9.13
N MET A 111 -8.94 2.79 -8.97
CA MET A 111 -9.98 2.11 -8.21
C MET A 111 -9.95 2.43 -6.73
N GLU A 112 -11.06 2.92 -6.19
CA GLU A 112 -11.05 3.35 -4.80
C GLU A 112 -11.57 2.28 -3.82
N ASP A 113 -11.80 1.07 -4.32
CA ASP A 113 -12.18 -0.05 -3.45
C ASP A 113 -11.53 -1.36 -3.85
N LYS A 114 -10.74 -1.92 -2.94
CA LYS A 114 -9.97 -3.12 -3.24
C LYS A 114 -10.86 -4.32 -3.59
N GLN A 115 -11.95 -4.51 -2.86
CA GLN A 115 -12.81 -5.66 -3.12
C GLN A 115 -13.42 -5.55 -4.52
N GLU A 116 -13.73 -4.32 -4.93
CA GLU A 116 -14.30 -4.10 -6.26
C GLU A 116 -13.34 -4.53 -7.36
N MET A 117 -12.06 -4.21 -7.21
CA MET A 117 -11.07 -4.67 -8.15
C MET A 117 -10.97 -6.20 -8.12
N VAL A 118 -11.08 -6.79 -6.93
CA VAL A 118 -11.07 -8.25 -6.82
C VAL A 118 -12.25 -8.85 -7.59
N ASP A 119 -13.42 -8.24 -7.45
CA ASP A 119 -14.62 -8.74 -8.11
C ASP A 119 -14.46 -8.73 -9.62
N ILE A 120 -14.00 -7.59 -10.13
CA ILE A 120 -13.76 -7.44 -11.54
C ILE A 120 -12.82 -8.52 -12.07
N ILE A 121 -11.73 -8.76 -11.35
CA ILE A 121 -10.76 -9.76 -11.80
C ILE A 121 -11.38 -11.17 -11.81
N GLU A 122 -12.19 -11.48 -10.80
CA GLU A 122 -12.89 -12.77 -10.73
C GLU A 122 -13.83 -12.92 -11.92
N THR A 123 -14.59 -11.86 -12.20
CA THR A 123 -15.52 -11.83 -13.33
C THR A 123 -14.79 -12.05 -14.66
N VAL A 124 -13.65 -11.39 -14.83
CA VAL A 124 -12.86 -11.56 -16.04
C VAL A 124 -12.40 -13.01 -16.16
N TYR A 125 -11.83 -13.53 -15.07
CA TYR A 125 -11.38 -14.92 -15.06
C TYR A 125 -12.51 -15.90 -15.39
N ARG A 126 -13.67 -15.73 -14.75
CA ARG A 126 -14.83 -16.62 -15.00
C ARG A 126 -15.27 -16.61 -16.46
N GLY A 127 -15.56 -15.41 -16.98
CA GLY A 127 -15.96 -15.25 -18.36
C GLY A 127 -14.95 -15.73 -19.38
N ALA A 128 -13.69 -15.32 -19.23
CA ALA A 128 -12.69 -15.63 -20.25
C ALA A 128 -12.39 -17.12 -20.34
N ARG A 129 -12.47 -17.83 -19.21
CA ARG A 129 -12.26 -19.27 -19.17
C ARG A 129 -13.29 -20.01 -20.01
N LYS A 130 -14.44 -19.39 -20.20
CA LYS A 130 -15.50 -19.97 -21.03
C LYS A 130 -15.46 -19.38 -22.44
N GLY A 131 -14.34 -18.77 -22.79
CA GLY A 131 -14.15 -18.24 -24.14
C GLY A 131 -14.80 -16.91 -24.43
N ARG A 132 -15.36 -16.26 -23.41
CA ARG A 132 -15.95 -14.93 -23.61
C ARG A 132 -14.85 -13.91 -23.93
N GLY A 133 -15.17 -12.95 -24.78
CA GLY A 133 -14.20 -11.93 -25.16
C GLY A 133 -14.65 -10.64 -24.55
N LEU A 134 -15.87 -10.67 -24.01
CA LEU A 134 -16.49 -9.55 -23.32
C LEU A 134 -17.27 -10.07 -22.10
N VAL A 135 -16.89 -9.59 -20.92
CA VAL A 135 -17.58 -9.92 -19.69
C VAL A 135 -18.21 -8.64 -19.19
N VAL A 136 -19.08 -8.74 -18.21
CA VAL A 136 -19.81 -7.57 -17.73
C VAL A 136 -19.54 -7.30 -16.25
N SER A 137 -19.28 -6.05 -15.90
CA SER A 137 -18.80 -5.70 -14.57
C SER A 137 -19.90 -5.74 -13.53
N PRO A 138 -19.61 -6.33 -12.36
CA PRO A 138 -20.54 -6.36 -11.22
C PRO A 138 -21.14 -4.98 -10.91
N LYS A 139 -20.29 -4.02 -10.56
CA LYS A 139 -20.76 -2.67 -10.25
C LYS A 139 -20.77 -1.80 -11.50
N ASP A 140 -21.70 -0.85 -11.56
CA ASP A 140 -21.73 0.11 -12.65
C ASP A 140 -20.92 1.37 -12.31
N TYR A 141 -19.94 1.67 -13.15
CA TYR A 141 -19.08 2.82 -12.92
C TYR A 141 -19.45 4.00 -13.80
N SER A 142 -20.67 3.97 -14.35
CA SER A 142 -21.19 5.12 -15.07
C SER A 142 -21.64 6.17 -14.06
N PRO B 16 -24.68 -3.81 -30.96
CA PRO B 16 -24.63 -2.38 -30.65
C PRO B 16 -23.76 -1.63 -31.65
N LEU B 17 -24.38 -0.80 -32.48
CA LEU B 17 -23.72 -0.16 -33.63
C LEU B 17 -22.32 0.45 -33.37
N PHE B 18 -21.35 0.04 -34.18
CA PHE B 18 -19.95 0.46 -34.03
C PHE B 18 -19.36 0.11 -32.66
N GLN B 19 -19.84 -0.99 -32.08
CA GLN B 19 -19.30 -1.45 -30.81
C GLN B 19 -17.78 -1.55 -30.83
N GLN B 20 -17.16 -1.27 -29.68
CA GLN B 20 -15.72 -1.34 -29.54
C GLN B 20 -15.21 -2.75 -29.82
N ARG B 21 -14.06 -2.82 -30.50
CA ARG B 21 -13.41 -4.09 -30.79
C ARG B 21 -12.23 -4.26 -29.84
N PRO B 22 -11.85 -5.52 -29.54
CA PRO B 22 -10.70 -5.74 -28.64
C PRO B 22 -9.43 -5.28 -29.32
N TYR B 23 -8.36 -5.03 -28.54
CA TYR B 23 -7.06 -4.74 -29.13
C TYR B 23 -6.39 -6.07 -29.44
N PRO B 24 -5.41 -6.04 -30.36
CA PRO B 24 -4.57 -7.20 -30.67
C PRO B 24 -3.71 -7.63 -29.46
N SER B 25 -3.26 -8.88 -29.44
CA SER B 25 -2.32 -9.31 -28.41
C SER B 25 -1.00 -8.50 -28.52
N PRO B 26 -0.16 -8.49 -27.46
CA PRO B 26 1.12 -7.77 -27.53
C PRO B 26 1.99 -8.28 -28.68
N GLY B 27 1.98 -9.60 -28.90
CA GLY B 27 2.71 -10.21 -29.99
C GLY B 27 2.31 -9.68 -31.36
N ALA B 28 1.01 -9.55 -31.59
CA ALA B 28 0.49 -8.98 -32.83
C ALA B 28 0.84 -7.50 -32.97
N VAL B 29 0.81 -6.77 -31.86
CA VAL B 29 1.18 -5.35 -31.89
C VAL B 29 2.67 -5.16 -32.23
N LEU B 30 3.54 -5.91 -31.55
CA LEU B 30 4.97 -5.94 -31.83
C LEU B 30 5.23 -6.24 -33.31
N ARG B 31 4.54 -7.25 -33.84
CA ARG B 31 4.66 -7.61 -35.25
C ARG B 31 4.20 -6.48 -36.19
N ALA B 32 3.04 -5.89 -35.89
CA ALA B 32 2.56 -4.71 -36.64
C ALA B 32 3.56 -3.55 -36.62
N ASN B 33 4.19 -3.31 -35.48
CA ASN B 33 5.23 -2.29 -35.40
C ASN B 33 6.42 -2.60 -36.30
N ALA B 34 6.86 -3.84 -36.26
CA ALA B 34 8.01 -4.28 -37.04
C ALA B 34 7.72 -4.16 -38.52
N GLU B 35 6.49 -4.49 -38.92
CA GLU B 35 6.04 -4.32 -40.29
C GLU B 35 6.04 -2.84 -40.73
N ALA B 36 5.58 -1.95 -39.84
CA ALA B 36 5.53 -0.52 -40.15
C ALA B 36 6.91 0.10 -40.35
N SER B 37 7.93 -0.53 -39.78
CA SER B 37 9.28 0.01 -39.85
C SER B 37 9.90 -0.15 -41.26
N ARG B 38 9.24 -0.93 -42.10
CA ARG B 38 9.76 -1.24 -43.44
C ARG B 38 9.60 -0.10 -44.46
N LEU C 10 -16.71 -26.78 18.25
CA LEU C 10 -16.94 -25.68 17.30
C LEU C 10 -16.27 -24.40 17.77
N PRO C 11 -15.39 -23.83 16.94
CA PRO C 11 -14.59 -22.65 17.34
C PRO C 11 -15.39 -21.35 17.45
N HIS C 12 -15.02 -20.52 18.43
CA HIS C 12 -15.68 -19.23 18.69
C HIS C 12 -14.81 -18.04 18.25
N LEU C 13 -15.46 -16.95 17.84
CA LEU C 13 -14.78 -15.70 17.52
C LEU C 13 -15.15 -14.67 18.57
N HIS C 14 -14.17 -13.97 19.12
CA HIS C 14 -14.37 -13.23 20.37
C HIS C 14 -14.39 -11.70 20.23
N ASN C 15 -14.22 -11.19 19.01
CA ASN C 15 -14.31 -9.74 18.76
C ASN C 15 -14.37 -9.48 17.27
N GLY C 16 -14.58 -8.22 16.91
CA GLY C 16 -14.80 -7.87 15.52
C GLY C 16 -13.61 -8.26 14.66
N TRP C 17 -12.40 -8.08 15.20
CA TRP C 17 -11.20 -8.39 14.43
C TRP C 17 -11.17 -9.87 14.08
N GLN C 18 -11.48 -10.72 15.02
CA GLN C 18 -11.47 -12.16 14.73
C GLN C 18 -12.49 -12.62 13.69
N VAL C 19 -13.64 -11.96 13.66
CA VAL C 19 -14.67 -12.31 12.70
C VAL C 19 -14.23 -11.93 11.29
N ASP C 20 -13.70 -10.71 11.15
CA ASP C 20 -13.10 -10.24 9.90
C ASP C 20 -12.01 -11.20 9.45
N GLN C 21 -11.10 -11.51 10.36
CA GLN C 21 -10.04 -12.48 10.08
C GLN C 21 -10.58 -13.83 9.59
N ALA C 22 -11.68 -14.28 10.17
CA ALA C 22 -12.25 -15.55 9.77
C ALA C 22 -12.82 -15.50 8.36
N ILE C 23 -13.45 -14.39 8.02
CA ILE C 23 -14.11 -14.28 6.72
C ILE C 23 -13.02 -14.16 5.66
N LEU C 24 -11.94 -13.48 6.02
CA LEU C 24 -10.79 -13.26 5.14
C LEU C 24 -9.88 -14.47 4.94
N SER C 25 -9.96 -15.46 5.84
CA SER C 25 -9.02 -16.56 5.84
C SER C 25 -9.37 -17.65 4.84
N GLU C 26 -10.58 -17.62 4.29
CA GLU C 26 -11.01 -18.73 3.44
C GLU C 26 -11.11 -18.34 1.98
N GLU C 27 -10.30 -19.00 1.16
CA GLU C 27 -10.28 -18.72 -0.27
C GLU C 27 -11.32 -19.55 -1.00
N ASP C 28 -11.66 -20.70 -0.42
CA ASP C 28 -12.47 -21.69 -1.15
C ASP C 28 -13.43 -22.51 -0.31
N ARG C 29 -13.84 -21.98 0.84
CA ARG C 29 -14.88 -22.62 1.64
C ARG C 29 -15.92 -21.59 2.08
N VAL C 30 -17.17 -22.00 2.16
CA VAL C 30 -18.18 -21.14 2.77
C VAL C 30 -17.87 -20.90 4.25
N VAL C 31 -17.90 -19.63 4.67
CA VAL C 31 -17.86 -19.35 6.09
C VAL C 31 -19.27 -19.23 6.66
N VAL C 32 -19.58 -20.13 7.57
CA VAL C 32 -20.89 -20.21 8.20
C VAL C 32 -20.78 -19.64 9.62
N ILE C 33 -21.58 -18.62 9.93
CA ILE C 33 -21.49 -18.03 11.26
C ILE C 33 -22.83 -18.16 11.95
N ARG C 34 -22.82 -18.67 13.17
CA ARG C 34 -23.98 -18.62 14.05
C ARG C 34 -23.83 -17.45 15.05
N PHE C 35 -24.74 -16.47 14.95
CA PHE C 35 -24.75 -15.33 15.86
C PHE C 35 -25.81 -15.61 16.92
N GLY C 36 -25.44 -15.50 18.19
CA GLY C 36 -26.39 -15.77 19.28
C GLY C 36 -25.70 -15.98 20.62
N HIS C 37 -26.10 -17.02 21.33
CA HIS C 37 -25.54 -17.35 22.64
C HIS C 37 -25.55 -18.87 22.80
N ASP C 38 -24.50 -19.44 23.39
CA ASP C 38 -24.39 -20.89 23.59
C ASP C 38 -25.56 -21.51 24.39
N TRP C 39 -26.10 -20.72 25.30
CA TRP C 39 -27.09 -21.20 26.28
C TRP C 39 -28.52 -20.94 25.86
N ASP C 40 -28.70 -20.19 24.77
CA ASP C 40 -30.02 -19.95 24.23
C ASP C 40 -30.63 -21.24 23.64
N PRO C 41 -31.91 -21.52 23.94
CA PRO C 41 -32.53 -22.80 23.53
C PRO C 41 -32.46 -23.07 22.01
N THR C 42 -32.82 -22.08 21.20
CA THR C 42 -32.76 -22.22 19.74
C THR C 42 -31.31 -22.41 19.30
N CYS C 43 -30.40 -21.60 19.83
CA CYS C 43 -29.00 -21.76 19.47
C CYS C 43 -28.50 -23.17 19.76
N MET C 44 -28.90 -23.72 20.90
CA MET C 44 -28.47 -25.06 21.29
C MET C 44 -28.87 -26.13 20.28
N LYS C 45 -30.10 -26.05 19.80
CA LYS C 45 -30.54 -26.95 18.75
C LYS C 45 -29.72 -26.74 17.48
N MET C 46 -29.56 -25.48 17.08
CA MET C 46 -28.83 -25.18 15.86
C MET C 46 -27.37 -25.60 15.98
N ASP C 47 -26.76 -25.29 17.12
CA ASP C 47 -25.37 -25.67 17.35
C ASP C 47 -25.17 -27.18 17.32
N GLU C 48 -26.17 -27.90 17.83
CA GLU C 48 -26.15 -29.36 17.78
C GLU C 48 -26.04 -29.82 16.34
N VAL C 49 -26.88 -29.26 15.47
CA VAL C 49 -26.86 -29.61 14.05
C VAL C 49 -25.52 -29.26 13.40
N LEU C 50 -25.03 -28.06 13.68
CA LEU C 50 -23.80 -27.58 13.05
C LEU C 50 -22.61 -28.47 13.42
N TYR C 51 -22.51 -28.82 14.69
CA TYR C 51 -21.37 -29.62 15.15
C TYR C 51 -21.39 -31.00 14.51
N SER C 52 -22.57 -31.59 14.38
CA SER C 52 -22.68 -32.96 13.87
C SER C 52 -22.40 -33.06 12.37
N ILE C 53 -22.61 -31.96 11.64
CA ILE C 53 -22.38 -31.96 10.21
C ILE C 53 -21.04 -31.31 9.88
N ALA C 54 -20.35 -30.81 10.90
CA ALA C 54 -19.14 -30.03 10.66
C ALA C 54 -18.09 -30.85 9.92
N GLU C 55 -17.88 -32.08 10.36
CA GLU C 55 -16.98 -33.00 9.65
C GLU C 55 -17.43 -33.32 8.22
N LYS C 56 -18.72 -33.59 8.01
CA LYS C 56 -19.24 -33.89 6.67
C LYS C 56 -19.04 -32.77 5.64
N VAL C 57 -19.00 -31.52 6.10
CA VAL C 57 -18.97 -30.38 5.19
C VAL C 57 -17.57 -29.77 5.09
N LYS C 58 -16.65 -30.36 5.84
CA LYS C 58 -15.25 -29.91 5.98
C LYS C 58 -14.56 -29.42 4.69
N ASN C 59 -14.86 -30.06 3.56
CA ASN C 59 -14.18 -29.72 2.30
C ASN C 59 -14.59 -28.38 1.74
N PHE C 60 -15.83 -27.97 1.98
CA PHE C 60 -16.38 -26.79 1.33
C PHE C 60 -16.97 -25.76 2.31
N ALA C 61 -16.84 -26.02 3.62
CA ALA C 61 -17.38 -25.11 4.63
C ALA C 61 -16.68 -25.18 6.00
N VAL C 62 -16.62 -24.03 6.67
CA VAL C 62 -16.11 -23.92 8.04
C VAL C 62 -17.11 -23.14 8.92
N ILE C 63 -17.23 -23.53 10.18
CA ILE C 63 -18.31 -23.06 11.05
C ILE C 63 -17.80 -22.33 12.30
N TYR C 64 -18.36 -21.16 12.57
CA TYR C 64 -17.99 -20.39 13.75
C TYR C 64 -19.18 -19.87 14.55
N LEU C 65 -19.00 -19.78 15.86
CA LEU C 65 -20.02 -19.24 16.75
C LEU C 65 -19.59 -17.87 17.28
N VAL C 66 -20.51 -16.92 17.22
CA VAL C 66 -20.25 -15.60 17.76
C VAL C 66 -21.31 -15.28 18.78
N ASP C 67 -20.87 -14.97 20.00
CA ASP C 67 -21.76 -14.51 21.05
C ASP C 67 -22.09 -13.04 20.81
N ILE C 68 -23.36 -12.71 20.64
CA ILE C 68 -23.69 -11.36 20.22
C ILE C 68 -23.78 -10.35 21.38
N THR C 69 -23.52 -10.79 22.60
CA THR C 69 -23.29 -9.83 23.68
C THR C 69 -21.80 -9.52 23.76
N GLU C 70 -20.98 -10.55 23.62
CA GLU C 70 -19.54 -10.38 23.64
C GLU C 70 -19.09 -9.61 22.40
N VAL C 71 -19.65 -9.97 21.25
CA VAL C 71 -19.30 -9.32 19.98
C VAL C 71 -20.52 -8.67 19.37
N PRO C 72 -20.84 -7.43 19.80
CA PRO C 72 -22.09 -6.80 19.36
C PRO C 72 -21.94 -5.95 18.10
N ASP C 73 -20.74 -5.92 17.52
CA ASP C 73 -20.42 -5.03 16.38
C ASP C 73 -21.36 -5.11 15.17
N PHE C 74 -21.91 -6.30 14.94
CA PHE C 74 -22.69 -6.60 13.74
C PHE C 74 -24.21 -6.61 13.96
N ASN C 75 -24.62 -6.41 15.21
CA ASN C 75 -26.02 -6.49 15.60
C ASN C 75 -26.94 -5.56 14.80
N LYS C 76 -26.56 -4.29 14.66
CA LYS C 76 -27.39 -3.33 13.93
C LYS C 76 -27.44 -3.63 12.44
N MET C 77 -26.27 -3.73 11.81
CA MET C 77 -26.19 -3.89 10.36
C MET C 77 -26.60 -5.26 9.83
N TYR C 78 -26.48 -6.29 10.66
CA TYR C 78 -27.03 -7.59 10.27
C TYR C 78 -28.42 -7.84 10.90
N GLU C 79 -28.93 -6.84 11.62
CA GLU C 79 -30.26 -6.91 12.23
C GLU C 79 -30.47 -8.16 13.08
N LEU C 80 -29.53 -8.43 13.96
CA LEU C 80 -29.54 -9.65 14.74
C LEU C 80 -30.54 -9.58 15.90
N TYR C 81 -31.83 -9.54 15.58
CA TYR C 81 -32.84 -9.35 16.61
C TYR C 81 -33.55 -10.65 16.98
N ASP C 82 -33.20 -11.72 16.28
CA ASP C 82 -33.67 -13.07 16.57
C ASP C 82 -32.69 -13.73 17.55
N PRO C 83 -33.17 -14.71 18.33
CA PRO C 83 -32.33 -15.43 19.29
C PRO C 83 -31.19 -16.17 18.60
N CYS C 84 -31.45 -16.69 17.41
CA CYS C 84 -30.48 -17.50 16.69
C CYS C 84 -30.43 -17.12 15.22
N THR C 85 -29.23 -16.84 14.71
CA THR C 85 -29.09 -16.39 13.34
C THR C 85 -27.88 -17.05 12.68
N VAL C 86 -28.13 -17.73 11.58
CA VAL C 86 -27.07 -18.37 10.83
C VAL C 86 -26.92 -17.62 9.52
N MET C 87 -25.68 -17.20 9.22
CA MET C 87 -25.38 -16.49 7.99
C MET C 87 -24.19 -17.11 7.27
N PHE C 88 -24.15 -16.89 5.96
CA PHE C 88 -23.15 -17.51 5.10
C PHE C 88 -22.31 -16.49 4.35
N PHE C 89 -21.00 -16.66 4.39
CA PHE C 89 -20.11 -15.82 3.60
C PHE C 89 -19.30 -16.67 2.65
N PHE C 90 -18.86 -16.05 1.55
CA PHE C 90 -17.94 -16.73 0.63
C PHE C 90 -17.04 -15.73 -0.08
N ARG C 91 -15.73 -15.92 0.09
CA ARG C 91 -14.74 -14.97 -0.41
C ARG C 91 -15.10 -13.53 -0.03
N ASN C 92 -15.39 -13.32 1.25
CA ASN C 92 -15.65 -11.98 1.77
C ASN C 92 -16.96 -11.35 1.26
N LYS C 93 -17.90 -12.18 0.84
CA LYS C 93 -19.22 -11.69 0.43
C LYS C 93 -20.33 -12.47 1.13
N HIS C 94 -21.30 -11.75 1.67
CA HIS C 94 -22.47 -12.33 2.27
C HIS C 94 -23.27 -13.02 1.15
N ILE C 95 -23.57 -14.31 1.31
CA ILE C 95 -24.34 -14.99 0.27
C ILE C 95 -25.81 -15.17 0.68
N MET C 96 -26.75 -14.72 -0.15
CA MET C 96 -28.19 -14.91 0.13
C MET C 96 -28.73 -16.25 -0.36
N ILE C 97 -29.73 -16.76 0.35
CA ILE C 97 -30.38 -18.01 -0.03
C ILE C 97 -31.87 -17.81 0.06
N ASP C 98 -32.58 -18.07 -1.02
CA ASP C 98 -34.02 -18.02 -0.98
C ASP C 98 -34.50 -19.33 -0.36
N LEU C 99 -35.03 -19.26 0.87
CA LEU C 99 -35.50 -20.44 1.58
C LEU C 99 -37.03 -20.52 1.59
N GLY C 100 -37.67 -19.60 0.89
CA GLY C 100 -39.12 -19.55 0.86
C GLY C 100 -39.70 -18.81 2.06
N THR C 101 -38.84 -18.21 2.88
CA THR C 101 -39.27 -17.65 4.16
C THR C 101 -39.58 -16.16 4.15
N GLY C 102 -39.29 -15.49 3.05
CA GLY C 102 -39.40 -14.03 3.03
C GLY C 102 -38.14 -13.34 3.53
N ASN C 103 -37.18 -14.12 4.01
CA ASN C 103 -35.88 -13.58 4.40
C ASN C 103 -34.76 -14.41 3.80
N ASN C 104 -34.12 -13.88 2.77
CA ASN C 104 -33.06 -14.62 2.13
C ASN C 104 -31.67 -14.29 2.71
N ASN C 105 -31.64 -13.53 3.80
CA ASN C 105 -30.37 -13.06 4.35
C ASN C 105 -29.83 -13.90 5.53
N LYS C 106 -30.64 -14.82 6.02
CA LYS C 106 -30.30 -15.53 7.24
C LYS C 106 -31.22 -16.72 7.45
N ILE C 107 -30.73 -17.75 8.13
CA ILE C 107 -31.62 -18.76 8.67
C ILE C 107 -31.78 -18.39 10.12
N ASN C 108 -33.02 -18.16 10.56
CA ASN C 108 -33.20 -17.67 11.93
C ASN C 108 -34.15 -18.54 12.77
N TRP C 109 -34.08 -19.84 12.57
CA TRP C 109 -34.84 -20.80 13.34
C TRP C 109 -33.93 -21.99 13.45
N ALA C 110 -34.19 -22.89 14.39
CA ALA C 110 -33.33 -24.07 14.53
C ALA C 110 -33.72 -25.19 13.56
N MET C 111 -32.87 -25.42 12.56
CA MET C 111 -33.08 -26.50 11.61
C MET C 111 -33.18 -27.85 12.31
N GLU C 112 -34.19 -28.63 11.94
CA GLU C 112 -34.32 -29.95 12.52
C GLU C 112 -33.47 -30.96 11.77
N ASP C 113 -33.79 -31.13 10.49
CA ASP C 113 -33.16 -32.18 9.69
C ASP C 113 -31.72 -31.81 9.33
N LYS C 114 -30.77 -32.57 9.86
CA LYS C 114 -29.36 -32.27 9.67
C LYS C 114 -28.93 -32.27 8.21
N GLN C 115 -29.46 -33.22 7.45
CA GLN C 115 -29.13 -33.31 6.04
C GLN C 115 -29.54 -32.05 5.30
N GLU C 116 -30.66 -31.46 5.71
CA GLU C 116 -31.19 -30.28 5.04
C GLU C 116 -30.29 -29.04 5.21
N MET C 117 -29.61 -28.96 6.34
CA MET C 117 -28.59 -27.93 6.51
C MET C 117 -27.38 -28.27 5.65
N VAL C 118 -27.08 -29.55 5.51
CA VAL C 118 -26.01 -29.97 4.61
C VAL C 118 -26.35 -29.59 3.16
N ASP C 119 -27.60 -29.82 2.77
CA ASP C 119 -28.06 -29.46 1.45
C ASP C 119 -27.98 -27.95 1.25
N ILE C 120 -28.41 -27.20 2.27
CA ILE C 120 -28.34 -25.74 2.23
C ILE C 120 -26.90 -25.28 2.00
N ILE C 121 -25.97 -25.79 2.81
CA ILE C 121 -24.57 -25.38 2.68
C ILE C 121 -23.96 -25.66 1.31
N GLU C 122 -24.23 -26.86 0.76
CA GLU C 122 -23.74 -27.25 -0.54
C GLU C 122 -24.25 -26.29 -1.61
N THR C 123 -25.53 -25.94 -1.52
CA THR C 123 -26.13 -25.03 -2.48
C THR C 123 -25.49 -23.64 -2.44
N VAL C 124 -25.18 -23.17 -1.24
CA VAL C 124 -24.49 -21.89 -1.08
C VAL C 124 -23.12 -21.95 -1.75
N TYR C 125 -22.35 -23.00 -1.45
CA TYR C 125 -21.02 -23.18 -2.00
C TYR C 125 -21.03 -23.32 -3.54
N ARG C 126 -21.96 -24.12 -4.07
CA ARG C 126 -22.08 -24.36 -5.50
C ARG C 126 -22.39 -23.08 -6.28
N GLY C 127 -23.24 -22.25 -5.71
CA GLY C 127 -23.61 -20.99 -6.34
C GLY C 127 -22.52 -19.94 -6.17
N ALA C 128 -22.05 -19.79 -4.95
CA ALA C 128 -21.03 -18.77 -4.67
C ALA C 128 -19.77 -19.01 -5.49
N ARG C 129 -19.38 -20.29 -5.63
CA ARG C 129 -18.26 -20.65 -6.51
C ARG C 129 -18.46 -20.08 -7.92
N LYS C 130 -19.69 -20.11 -8.39
CA LYS C 130 -20.02 -19.68 -9.74
C LYS C 130 -20.20 -18.17 -9.81
N GLY C 131 -20.00 -17.50 -8.67
CA GLY C 131 -20.14 -16.07 -8.57
C GLY C 131 -21.54 -15.56 -8.23
N ARG C 132 -22.46 -16.45 -7.87
CA ARG C 132 -23.83 -16.01 -7.53
C ARG C 132 -23.92 -15.37 -6.13
N GLY C 133 -24.65 -14.26 -6.03
CA GLY C 133 -24.90 -13.62 -4.75
C GLY C 133 -26.18 -14.13 -4.07
N LEU C 134 -27.03 -14.78 -4.85
CA LEU C 134 -28.31 -15.30 -4.36
C LEU C 134 -28.48 -16.73 -4.89
N VAL C 135 -28.74 -17.67 -4.00
CA VAL C 135 -29.03 -19.03 -4.44
C VAL C 135 -30.42 -19.49 -4.02
N VAL C 136 -30.89 -20.56 -4.66
CA VAL C 136 -32.21 -21.11 -4.41
C VAL C 136 -32.10 -22.42 -3.65
N SER C 137 -32.62 -22.44 -2.43
CA SER C 137 -32.54 -23.63 -1.59
C SER C 137 -33.38 -24.75 -2.18
N PRO C 138 -32.89 -26.01 -2.03
CA PRO C 138 -33.56 -27.20 -2.56
C PRO C 138 -34.85 -27.55 -1.83
N LYS C 139 -35.21 -26.77 -0.82
CA LYS C 139 -36.46 -26.98 -0.08
C LYS C 139 -37.10 -25.67 0.38
N ASP C 140 -38.41 -25.52 0.12
CA ASP C 140 -39.17 -24.36 0.61
C ASP C 140 -39.44 -24.53 2.10
N TYR C 141 -39.41 -23.42 2.84
CA TYR C 141 -39.51 -23.49 4.30
C TYR C 141 -40.59 -22.61 4.93
N SER C 142 -41.47 -22.01 4.13
CA SER C 142 -42.60 -21.27 4.69
C SER C 142 -43.82 -22.16 4.87
N PRO D 16 -37.80 -9.42 -7.58
CA PRO D 16 -39.00 -8.55 -7.47
C PRO D 16 -38.67 -7.13 -7.03
N LEU D 17 -39.70 -6.30 -7.01
CA LEU D 17 -39.57 -4.90 -6.64
C LEU D 17 -39.11 -4.76 -5.19
N PHE D 18 -38.06 -3.99 -4.96
CA PHE D 18 -37.54 -3.77 -3.60
C PHE D 18 -37.02 -5.07 -2.96
N GLN D 19 -36.49 -5.94 -3.80
CA GLN D 19 -35.90 -7.19 -3.33
C GLN D 19 -34.81 -6.93 -2.30
N GLN D 20 -34.63 -7.91 -1.41
CA GLN D 20 -33.68 -7.82 -0.33
C GLN D 20 -32.26 -7.70 -0.88
N ARG D 21 -31.49 -6.78 -0.31
CA ARG D 21 -30.08 -6.64 -0.67
C ARG D 21 -29.21 -7.44 0.29
N PRO D 22 -28.05 -7.92 -0.17
CA PRO D 22 -27.13 -8.59 0.76
C PRO D 22 -26.55 -7.57 1.76
N TYR D 23 -26.15 -8.04 2.94
CA TYR D 23 -25.50 -7.19 3.92
C TYR D 23 -24.03 -6.94 3.51
N PRO D 24 -23.39 -5.94 4.11
CA PRO D 24 -21.98 -5.71 3.83
C PRO D 24 -21.11 -6.77 4.49
N SER D 25 -19.87 -6.90 4.05
CA SER D 25 -18.96 -7.85 4.66
C SER D 25 -18.65 -7.40 6.08
N PRO D 26 -18.23 -8.31 6.95
CA PRO D 26 -17.96 -7.89 8.33
C PRO D 26 -16.94 -6.76 8.39
N GLY D 27 -15.94 -6.81 7.51
CA GLY D 27 -14.97 -5.74 7.37
C GLY D 27 -15.63 -4.42 7.06
N ALA D 28 -16.54 -4.42 6.09
CA ALA D 28 -17.28 -3.20 5.76
C ALA D 28 -18.12 -2.70 6.95
N VAL D 29 -18.68 -3.63 7.71
CA VAL D 29 -19.47 -3.23 8.88
C VAL D 29 -18.57 -2.56 9.92
N LEU D 30 -17.42 -3.19 10.17
CA LEU D 30 -16.48 -2.62 11.13
C LEU D 30 -16.03 -1.21 10.73
N ARG D 31 -15.71 -1.04 9.45
CA ARG D 31 -15.34 0.27 8.94
C ARG D 31 -16.48 1.29 9.12
N ALA D 32 -17.71 0.88 8.84
CA ALA D 32 -18.87 1.75 8.99
C ALA D 32 -19.07 2.16 10.44
N ASN D 33 -18.91 1.21 11.37
CA ASN D 33 -18.92 1.54 12.80
C ASN D 33 -17.82 2.54 13.17
N ALA D 34 -16.61 2.36 12.65
CA ALA D 34 -15.50 3.27 12.96
C ALA D 34 -15.74 4.71 12.44
N GLU D 35 -16.27 4.82 11.22
CA GLU D 35 -16.61 6.12 10.65
C GLU D 35 -17.71 6.84 11.44
N ALA D 36 -18.69 6.06 11.90
CA ALA D 36 -19.80 6.61 12.68
C ALA D 36 -19.31 7.16 14.01
N SER D 37 -18.27 6.54 14.57
CA SER D 37 -17.68 6.95 15.84
C SER D 37 -16.85 8.22 15.66
N ARG D 38 -16.24 8.34 14.50
CA ARG D 38 -15.38 9.47 14.18
C ARG D 38 -16.19 10.77 14.17
N THR D 39 -17.32 10.77 13.46
CA THR D 39 -18.06 12.01 13.25
C THR D 39 -18.75 12.49 14.52
N LYS D 40 -19.10 11.56 15.40
CA LYS D 40 -19.78 11.89 16.65
C LYS D 40 -18.90 12.61 17.70
N GLN D 41 -17.58 12.45 17.58
CA GLN D 41 -16.67 13.09 18.52
C GLN D 41 -16.61 14.62 18.39
N MET E 9 -11.26 17.18 17.92
CA MET E 9 -9.91 17.00 18.44
C MET E 9 -9.28 15.70 17.93
N LEU E 10 -8.34 15.16 18.68
CA LEU E 10 -7.60 13.97 18.27
C LEU E 10 -8.48 12.76 18.10
N PRO E 11 -8.24 11.97 17.05
CA PRO E 11 -9.05 10.77 16.82
C PRO E 11 -8.78 9.66 17.86
N HIS E 12 -9.82 8.92 18.24
CA HIS E 12 -9.71 7.76 19.11
C HIS E 12 -9.96 6.47 18.32
N LEU E 13 -9.39 5.36 18.80
CA LEU E 13 -9.63 4.05 18.22
C LEU E 13 -10.35 3.19 19.28
N HIS E 14 -11.39 2.49 18.87
CA HIS E 14 -12.37 2.01 19.85
C HIS E 14 -12.41 0.49 20.03
N ASN E 15 -11.58 -0.22 19.29
CA ASN E 15 -11.43 -1.68 19.43
C ASN E 15 -10.15 -2.16 18.76
N GLY E 16 -9.84 -3.45 18.93
CA GLY E 16 -8.63 -4.02 18.38
C GLY E 16 -8.52 -3.88 16.88
N TRP E 17 -9.62 -4.14 16.18
CA TRP E 17 -9.64 -4.04 14.73
C TRP E 17 -9.27 -2.62 14.26
N GLN E 18 -9.80 -1.59 14.94
CA GLN E 18 -9.50 -0.22 14.56
C GLN E 18 -8.02 0.16 14.77
N VAL E 19 -7.43 -0.34 15.86
CA VAL E 19 -6.01 -0.16 16.16
C VAL E 19 -5.15 -0.84 15.09
N ASP E 20 -5.49 -2.08 14.73
CA ASP E 20 -4.77 -2.81 13.70
C ASP E 20 -4.86 -2.04 12.37
N GLN E 21 -6.07 -1.57 12.08
CA GLN E 21 -6.29 -0.74 10.88
C GLN E 21 -5.50 0.56 10.88
N ALA E 22 -5.41 1.24 12.02
CA ALA E 22 -4.66 2.49 12.06
C ALA E 22 -3.19 2.25 11.74
N ILE E 23 -2.67 1.14 12.24
CA ILE E 23 -1.26 0.79 12.05
C ILE E 23 -0.99 0.29 10.64
N LEU E 24 -1.88 -0.55 10.13
CA LEU E 24 -1.81 -1.07 8.76
C LEU E 24 -1.94 0.03 7.68
N SER E 25 -2.57 1.16 8.02
CA SER E 25 -2.99 2.15 7.02
C SER E 25 -1.95 3.22 6.64
N GLU E 26 -0.80 3.24 7.30
CA GLU E 26 0.21 4.25 7.01
C GLU E 26 1.46 3.63 6.41
N GLU E 27 1.73 3.96 5.16
CA GLU E 27 2.90 3.45 4.47
C GLU E 27 4.11 4.35 4.67
N ASP E 28 3.84 5.62 5.01
CA ASP E 28 4.92 6.62 5.05
C ASP E 28 4.82 7.62 6.20
N ARG E 29 4.04 7.30 7.21
CA ARG E 29 4.02 8.15 8.39
C ARG E 29 4.14 7.29 9.64
N VAL E 30 4.71 7.85 10.69
CA VAL E 30 4.79 7.16 11.95
C VAL E 30 3.42 7.16 12.62
N VAL E 31 2.98 6.01 13.12
CA VAL E 31 1.77 6.00 13.91
C VAL E 31 2.08 6.14 15.39
N VAL E 32 1.53 7.19 15.97
CA VAL E 32 1.76 7.50 17.36
C VAL E 32 0.50 7.19 18.15
N ILE E 33 0.59 6.24 19.08
CA ILE E 33 -0.56 5.90 19.92
C ILE E 33 -0.35 6.27 21.38
N ARG E 34 -1.31 7.01 21.94
CA ARG E 34 -1.33 7.26 23.37
C ARG E 34 -2.33 6.28 23.99
N PHE E 35 -1.82 5.28 24.72
CA PHE E 35 -2.66 4.38 25.52
C PHE E 35 -2.88 4.94 26.93
N GLY E 36 -4.14 5.00 27.35
CA GLY E 36 -4.47 5.52 28.66
C GLY E 36 -5.95 5.79 28.82
N HIS E 37 -6.30 6.95 29.36
CA HIS E 37 -7.69 7.36 29.49
C HIS E 37 -7.69 8.86 29.40
N ASP E 38 -8.61 9.43 28.62
CA ASP E 38 -8.70 10.88 28.49
C ASP E 38 -8.85 11.56 29.85
N TRP E 39 -9.57 10.92 30.78
CA TRP E 39 -9.78 11.47 32.12
C TRP E 39 -8.57 11.45 33.06
N ASP E 40 -7.56 10.64 32.75
CA ASP E 40 -6.39 10.55 33.61
C ASP E 40 -5.56 11.83 33.54
N PRO E 41 -5.15 12.36 34.70
CA PRO E 41 -4.37 13.61 34.80
C PRO E 41 -3.10 13.63 33.94
N THR E 42 -2.29 12.58 34.02
CA THR E 42 -1.06 12.50 33.22
C THR E 42 -1.40 12.52 31.73
N CYS E 43 -2.45 11.81 31.37
CA CYS E 43 -2.88 11.75 29.97
C CYS E 43 -3.30 13.13 29.46
N MET E 44 -4.04 13.86 30.29
CA MET E 44 -4.51 15.22 29.95
C MET E 44 -3.34 16.11 29.56
N LYS E 45 -2.28 16.09 30.36
CA LYS E 45 -1.11 16.91 30.08
C LYS E 45 -0.45 16.50 28.78
N MET E 46 -0.33 15.19 28.57
CA MET E 46 0.27 14.62 27.37
C MET E 46 -0.61 14.81 26.12
N ASP E 47 -1.92 14.61 26.27
CA ASP E 47 -2.87 14.81 25.19
C ASP E 47 -2.83 16.25 24.67
N GLU E 48 -2.70 17.20 25.58
CA GLU E 48 -2.64 18.60 25.22
C GLU E 48 -1.42 18.91 24.37
N VAL E 49 -0.30 18.32 24.76
CA VAL E 49 0.92 18.40 23.95
C VAL E 49 0.70 17.81 22.55
N LEU E 50 0.11 16.61 22.52
CA LEU E 50 -0.16 15.90 21.28
C LEU E 50 -1.12 16.69 20.40
N TYR E 51 -2.15 17.26 21.00
CA TYR E 51 -3.08 18.05 20.23
C TYR E 51 -2.34 19.26 19.62
N SER E 52 -1.56 19.96 20.45
CA SER E 52 -0.90 21.20 20.05
C SER E 52 0.09 21.01 18.89
N ILE E 53 0.71 19.84 18.80
CA ILE E 53 1.72 19.59 17.76
C ILE E 53 1.21 18.81 16.57
N ALA E 54 -0.05 18.35 16.63
CA ALA E 54 -0.56 17.43 15.60
C ALA E 54 -0.45 18.02 14.19
N GLU E 55 -0.85 19.27 14.05
CA GLU E 55 -0.79 19.94 12.75
C GLU E 55 0.66 20.00 12.27
N LYS E 56 1.54 20.47 13.14
CA LYS E 56 2.97 20.56 12.86
C LYS E 56 3.59 19.28 12.31
N VAL E 57 3.27 18.13 12.92
CA VAL E 57 3.90 16.87 12.55
C VAL E 57 3.15 16.11 11.45
N LYS E 58 2.02 16.65 11.03
CA LYS E 58 1.08 16.02 10.08
C LYS E 58 1.72 15.31 8.87
N ASN E 59 2.89 15.78 8.46
CA ASN E 59 3.54 15.29 7.26
C ASN E 59 4.29 13.98 7.42
N PHE E 60 4.73 13.70 8.65
CA PHE E 60 5.49 12.49 8.90
C PHE E 60 4.89 11.62 10.01
N ALA E 61 3.74 12.03 10.55
CA ALA E 61 3.15 11.31 11.70
C ALA E 61 1.66 11.60 11.89
N VAL E 62 0.99 10.61 12.47
CA VAL E 62 -0.44 10.69 12.80
C VAL E 62 -0.63 10.13 14.22
N ILE E 63 -1.49 10.76 15.00
CA ILE E 63 -1.63 10.47 16.43
C ILE E 63 -3.02 9.95 16.75
N TYR E 64 -3.09 8.88 17.52
CA TYR E 64 -4.37 8.30 17.94
C TYR E 64 -4.38 8.12 19.46
N LEU E 65 -5.56 8.18 20.06
CA LEU E 65 -5.74 7.94 21.48
C LEU E 65 -6.53 6.66 21.67
N VAL E 66 -6.05 5.81 22.58
CA VAL E 66 -6.73 4.57 22.86
C VAL E 66 -7.00 4.47 24.35
N ASP E 67 -8.28 4.28 24.71
CA ASP E 67 -8.64 4.06 26.11
C ASP E 67 -8.43 2.59 26.43
N ILE E 68 -7.55 2.31 27.39
CA ILE E 68 -7.15 0.92 27.64
C ILE E 68 -8.15 0.12 28.48
N THR E 69 -9.28 0.74 28.77
CA THR E 69 -10.42 0.04 29.37
C THR E 69 -11.42 -0.32 28.27
N GLU E 70 -11.70 0.63 27.38
CA GLU E 70 -12.54 0.35 26.22
C GLU E 70 -11.87 -0.71 25.37
N VAL E 71 -10.55 -0.58 25.25
CA VAL E 71 -9.77 -1.42 24.35
C VAL E 71 -8.63 -2.08 25.12
N PRO E 72 -8.92 -3.19 25.82
CA PRO E 72 -7.89 -3.75 26.71
C PRO E 72 -7.00 -4.77 26.02
N ASP E 73 -7.22 -5.02 24.72
CA ASP E 73 -6.53 -6.10 24.01
C ASP E 73 -4.99 -6.08 24.13
N PHE E 74 -4.42 -4.88 24.26
CA PHE E 74 -2.96 -4.73 24.20
C PHE E 74 -2.30 -4.56 25.57
N ASN E 75 -3.13 -4.53 26.62
CA ASN E 75 -2.64 -4.21 27.97
C ASN E 75 -1.52 -5.12 28.46
N LYS E 76 -1.68 -6.42 28.22
CA LYS E 76 -0.71 -7.40 28.69
C LYS E 76 0.58 -7.41 27.86
N MET E 77 0.46 -7.48 26.54
CA MET E 77 1.64 -7.60 25.69
C MET E 77 2.46 -6.32 25.56
N TYR E 78 1.81 -5.17 25.71
CA TYR E 78 2.47 -3.87 25.65
C TYR E 78 2.69 -3.34 27.06
N GLU E 79 2.37 -4.16 28.05
CA GLU E 79 2.64 -3.86 29.46
C GLU E 79 2.12 -2.49 29.90
N LEU E 80 0.89 -2.19 29.47
CA LEU E 80 0.29 -0.89 29.70
C LEU E 80 -0.10 -0.71 31.16
N TYR E 81 0.88 -0.61 32.04
CA TYR E 81 0.60 -0.48 33.46
C TYR E 81 0.79 0.95 33.98
N ASP E 82 1.39 1.81 33.16
CA ASP E 82 1.51 3.23 33.53
C ASP E 82 0.24 3.96 33.13
N PRO E 83 -0.17 4.99 33.90
CA PRO E 83 -1.36 5.80 33.60
C PRO E 83 -1.35 6.35 32.17
N CYS E 84 -0.15 6.63 31.65
CA CYS E 84 -0.01 7.19 30.32
C CYS E 84 1.17 6.55 29.58
N THR E 85 0.90 6.02 28.39
CA THR E 85 1.90 5.35 27.56
C THR E 85 1.83 5.82 26.11
N VAL E 86 2.91 6.44 25.62
CA VAL E 86 2.99 6.76 24.19
C VAL E 86 3.97 5.82 23.47
N MET E 87 3.52 5.21 22.39
CA MET E 87 4.32 4.28 21.63
C MET E 87 4.31 4.68 20.17
N PHE E 88 5.32 4.23 19.43
CA PHE E 88 5.45 4.57 18.02
C PHE E 88 5.51 3.34 17.16
N PHE E 89 4.96 3.45 15.95
CA PHE E 89 4.98 2.39 14.97
C PHE E 89 5.34 2.99 13.62
N PHE E 90 5.94 2.18 12.76
CA PHE E 90 6.17 2.61 11.40
C PHE E 90 6.13 1.40 10.51
N ARG E 91 5.27 1.45 9.49
CA ARG E 91 5.04 0.32 8.59
C ARG E 91 4.83 -0.99 9.34
N ASN E 92 3.94 -0.95 10.33
CA ASN E 92 3.53 -2.15 11.06
C ASN E 92 4.59 -2.74 11.97
N LYS E 93 5.55 -1.91 12.38
CA LYS E 93 6.56 -2.38 13.30
C LYS E 93 6.65 -1.48 14.50
N HIS E 94 6.83 -2.06 15.68
CA HIS E 94 7.04 -1.24 16.87
C HIS E 94 8.44 -0.63 16.82
N ILE E 95 8.52 0.69 16.91
CA ILE E 95 9.82 1.38 16.90
C ILE E 95 10.26 1.78 18.30
N MET E 96 11.45 1.32 18.68
CA MET E 96 12.03 1.65 19.97
C MET E 96 12.86 2.92 19.88
N ILE E 97 12.96 3.62 21.00
CA ILE E 97 13.83 4.79 21.07
C ILE E 97 14.50 4.88 22.44
N ASP E 98 15.82 5.08 22.42
CA ASP E 98 16.57 5.20 23.66
C ASP E 98 16.39 6.62 24.20
N LEU E 99 15.66 6.73 25.30
CA LEU E 99 15.41 8.01 25.92
C LEU E 99 16.37 8.24 27.08
N GLY E 100 17.23 7.24 27.33
CA GLY E 100 18.10 7.27 28.49
C GLY E 100 17.34 7.05 29.78
N THR E 101 16.17 6.42 29.70
CA THR E 101 15.33 6.22 30.87
C THR E 101 15.36 4.78 31.37
N GLY E 102 15.94 3.88 30.57
CA GLY E 102 15.93 2.47 30.93
C GLY E 102 14.76 1.70 30.34
N ASN E 103 13.90 2.39 29.60
CA ASN E 103 12.82 1.74 28.83
C ASN E 103 12.74 2.31 27.43
N ASN E 104 13.17 1.53 26.45
CA ASN E 104 13.20 2.00 25.09
C ASN E 104 11.91 1.71 24.31
N ASN E 105 10.86 1.24 24.99
CA ASN E 105 9.66 0.81 24.27
C ASN E 105 8.47 1.78 24.31
N LYS E 106 8.59 2.81 25.13
CA LYS E 106 7.45 3.70 25.36
C LYS E 106 7.91 4.97 26.03
N ILE E 107 7.14 6.03 25.87
CA ILE E 107 7.32 7.25 26.65
C ILE E 107 6.21 7.21 27.69
N ASN E 108 6.57 7.05 28.96
CA ASN E 108 5.55 6.81 29.98
C ASN E 108 5.40 7.90 31.02
N TRP E 109 5.62 9.15 30.63
CA TRP E 109 5.40 10.26 31.53
C TRP E 109 4.89 11.44 30.71
N ALA E 110 4.21 12.38 31.35
CA ALA E 110 3.71 13.53 30.64
C ALA E 110 4.87 14.46 30.31
N MET E 111 5.35 14.37 29.08
CA MET E 111 6.29 15.35 28.55
C MET E 111 5.50 16.62 28.32
N GLU E 112 5.90 17.72 28.93
CA GLU E 112 5.11 18.93 28.77
C GLU E 112 5.73 19.99 27.85
N ASP E 113 6.98 19.75 27.44
CA ASP E 113 7.62 20.60 26.43
C ASP E 113 7.31 20.10 25.02
N LYS E 114 6.47 20.84 24.31
CA LYS E 114 5.91 20.42 23.03
C LYS E 114 6.93 20.16 21.94
N GLN E 115 8.00 20.95 21.91
CA GLN E 115 8.98 20.84 20.83
C GLN E 115 9.85 19.58 20.99
N GLU E 116 10.13 19.20 22.23
CA GLU E 116 10.83 17.92 22.50
C GLU E 116 10.14 16.71 21.85
N MET E 117 8.81 16.67 21.92
CA MET E 117 8.05 15.56 21.34
C MET E 117 8.03 15.61 19.82
N VAL E 118 8.01 16.82 19.27
CA VAL E 118 8.13 17.02 17.83
C VAL E 118 9.42 16.37 17.36
N ASP E 119 10.48 16.62 18.12
CA ASP E 119 11.81 16.21 17.71
C ASP E 119 11.97 14.71 17.87
N ILE E 120 11.31 14.16 18.89
CA ILE E 120 11.36 12.73 19.10
C ILE E 120 10.67 12.03 17.94
N ILE E 121 9.50 12.54 17.56
CA ILE E 121 8.74 11.98 16.46
C ILE E 121 9.53 12.06 15.17
N GLU E 122 10.12 13.23 14.90
CA GLU E 122 10.98 13.42 13.75
C GLU E 122 12.11 12.41 13.74
N THR E 123 12.72 12.21 14.89
CA THR E 123 13.80 11.25 15.04
C THR E 123 13.33 9.83 14.73
N VAL E 124 12.17 9.47 15.24
CA VAL E 124 11.60 8.15 14.97
C VAL E 124 11.34 7.99 13.48
N TYR E 125 10.82 9.05 12.86
CA TYR E 125 10.48 9.02 11.45
C TYR E 125 11.70 8.80 10.57
N ARG E 126 12.74 9.62 10.73
CA ARG E 126 13.95 9.47 9.94
C ARG E 126 14.59 8.10 10.17
N GLY E 127 14.81 7.76 11.44
CA GLY E 127 15.41 6.49 11.78
C GLY E 127 14.68 5.29 11.22
N ALA E 128 13.36 5.28 11.37
CA ALA E 128 12.58 4.12 10.94
C ALA E 128 12.54 4.05 9.43
N ARG E 129 12.49 5.19 8.78
CA ARG E 129 12.44 5.20 7.32
C ARG E 129 13.77 4.69 6.77
N LYS E 130 14.83 4.86 7.56
CA LYS E 130 16.16 4.36 7.20
C LYS E 130 16.34 2.90 7.59
N GLY E 131 15.26 2.29 8.08
CA GLY E 131 15.25 0.87 8.33
C GLY E 131 15.65 0.49 9.74
N ARG E 132 15.88 1.50 10.58
CA ARG E 132 16.24 1.26 11.98
C ARG E 132 15.05 0.85 12.86
N GLY E 133 15.25 -0.19 13.67
CA GLY E 133 14.26 -0.58 14.66
C GLY E 133 14.45 0.18 15.96
N LEU E 134 15.60 0.83 16.09
CA LEU E 134 15.99 1.55 17.31
C LEU E 134 16.59 2.92 16.96
N VAL E 135 16.10 3.98 17.60
CA VAL E 135 16.65 5.31 17.42
C VAL E 135 17.02 5.91 18.78
N VAL E 136 17.74 7.03 18.76
CA VAL E 136 18.19 7.67 20.00
C VAL E 136 17.63 9.09 20.11
N SER E 137 17.00 9.41 21.24
CA SER E 137 16.37 10.72 21.43
C SER E 137 17.42 11.82 21.64
N PRO E 138 17.22 12.98 20.98
CA PRO E 138 18.14 14.12 21.09
C PRO E 138 18.39 14.53 22.53
N LYS E 139 17.34 14.57 23.34
CA LYS E 139 17.49 14.89 24.76
C LYS E 139 17.56 13.63 25.61
N ASP E 140 18.41 13.66 26.64
CA ASP E 140 18.56 12.53 27.52
C ASP E 140 17.73 12.74 28.79
N TYR E 141 16.74 11.88 28.99
CA TYR E 141 15.82 12.03 30.11
C TYR E 141 16.19 11.18 31.32
N SER E 142 17.48 10.86 31.47
CA SER E 142 17.96 10.11 32.64
C SER E 142 17.86 10.95 33.91
N PRO F 16 24.71 -4.66 24.90
CA PRO F 16 23.97 -4.70 26.17
C PRO F 16 23.27 -6.05 26.35
N LEU F 17 23.85 -6.91 27.18
CA LEU F 17 23.28 -8.24 27.37
C LEU F 17 21.81 -8.16 27.83
N PHE F 18 20.99 -9.04 27.28
CA PHE F 18 19.56 -9.11 27.61
C PHE F 18 18.82 -7.80 27.33
N GLN F 19 19.15 -7.16 26.22
CA GLN F 19 18.55 -5.89 25.84
C GLN F 19 17.05 -6.01 25.55
N GLN F 20 16.30 -4.96 25.86
CA GLN F 20 14.86 -4.90 25.58
C GLN F 20 14.56 -5.20 24.12
N ARG F 21 13.59 -6.06 23.85
CA ARG F 21 13.15 -6.28 22.47
C ARG F 21 11.87 -5.50 22.16
N PRO F 22 11.65 -5.16 20.87
CA PRO F 22 10.41 -4.48 20.53
C PRO F 22 9.19 -5.38 20.73
N TYR F 23 8.04 -4.76 20.96
CA TYR F 23 6.79 -5.49 21.12
C TYR F 23 6.32 -5.93 19.74
N PRO F 24 5.43 -6.95 19.69
CA PRO F 24 4.87 -7.36 18.41
C PRO F 24 3.93 -6.28 17.88
N SER F 25 3.63 -6.32 16.58
CA SER F 25 2.65 -5.44 15.97
C SER F 25 1.27 -5.63 16.60
N PRO F 26 0.40 -4.62 16.53
CA PRO F 26 -0.96 -4.86 17.07
C PRO F 26 -1.66 -6.07 16.44
N GLY F 27 -1.44 -6.30 15.14
CA GLY F 27 -1.96 -7.49 14.49
C GLY F 27 -1.48 -8.79 15.14
N ALA F 28 -0.18 -8.84 15.48
CA ALA F 28 0.41 -10.03 16.07
C ALA F 28 -0.17 -10.27 17.46
N VAL F 29 -0.40 -9.19 18.19
CA VAL F 29 -1.01 -9.28 19.51
C VAL F 29 -2.46 -9.79 19.43
N LEU F 30 -3.27 -9.22 18.54
CA LEU F 30 -4.65 -9.67 18.37
C LEU F 30 -4.67 -11.15 18.01
N ARG F 31 -3.72 -11.57 17.18
CA ARG F 31 -3.61 -12.96 16.79
C ARG F 31 -3.21 -13.82 17.99
N ALA F 32 -2.21 -13.35 18.74
CA ALA F 32 -1.76 -14.06 19.94
C ALA F 32 -2.94 -14.25 20.91
N ASN F 33 -3.71 -13.18 21.10
CA ASN F 33 -4.90 -13.21 21.94
C ASN F 33 -5.94 -14.24 21.44
N ALA F 34 -6.13 -14.28 20.12
CA ALA F 34 -7.14 -15.17 19.55
C ALA F 34 -6.73 -16.63 19.70
N GLU F 35 -5.44 -16.90 19.56
CA GLU F 35 -4.89 -18.25 19.74
C GLU F 35 -5.08 -18.76 21.17
N ALA F 36 -4.80 -17.90 22.15
CA ALA F 36 -4.97 -18.25 23.56
C ALA F 36 -6.41 -18.64 23.93
N SER F 37 -7.40 -18.02 23.28
CA SER F 37 -8.81 -18.34 23.50
C SER F 37 -9.20 -19.66 22.84
N ARG F 38 -8.56 -19.97 21.72
CA ARG F 38 -8.74 -21.23 21.01
C ARG F 38 -8.34 -22.40 21.91
N THR F 39 -7.14 -22.31 22.46
CA THR F 39 -6.60 -23.36 23.32
C THR F 39 -7.42 -23.51 24.61
N LYS F 40 -7.82 -22.38 25.19
CA LYS F 40 -8.58 -22.39 26.43
C LYS F 40 -10.02 -22.88 26.29
N MET G 9 6.70 20.18 -14.05
CA MET G 9 7.61 19.73 -12.99
C MET G 9 9.10 19.94 -13.32
N LEU G 10 9.91 18.91 -13.07
CA LEU G 10 11.37 18.99 -13.26
C LEU G 10 11.76 18.97 -14.74
N PRO G 11 12.55 19.96 -15.18
CA PRO G 11 12.91 20.04 -16.61
C PRO G 11 13.94 18.99 -17.01
N HIS G 12 13.82 18.48 -18.23
CA HIS G 12 14.76 17.52 -18.79
C HIS G 12 15.66 18.11 -19.85
N LEU G 13 16.92 17.64 -19.90
CA LEU G 13 17.88 18.03 -20.93
C LEU G 13 18.09 16.83 -21.85
N HIS G 14 18.00 17.04 -23.16
CA HIS G 14 17.80 15.87 -24.04
C HIS G 14 18.96 15.55 -24.97
N ASN G 15 19.99 16.39 -24.99
CA ASN G 15 21.27 16.03 -25.65
C ASN G 15 22.43 16.78 -25.04
N GLY G 16 23.63 16.58 -25.57
CA GLY G 16 24.82 17.19 -25.01
C GLY G 16 24.79 18.71 -25.05
N TRP G 17 24.39 19.27 -26.18
CA TRP G 17 24.27 20.73 -26.31
C TRP G 17 23.40 21.34 -25.22
N GLN G 18 22.25 20.73 -24.98
CA GLN G 18 21.33 21.26 -23.97
C GLN G 18 21.96 21.18 -22.56
N VAL G 19 22.69 20.10 -22.28
CA VAL G 19 23.39 20.02 -21.00
C VAL G 19 24.45 21.11 -20.85
N ASP G 20 25.29 21.27 -21.89
CA ASP G 20 26.28 22.36 -21.93
C ASP G 20 25.58 23.72 -21.73
N GLN G 21 24.46 23.92 -22.43
CA GLN G 21 23.78 25.21 -22.34
C GLN G 21 23.30 25.49 -20.92
N ALA G 22 22.75 24.47 -20.27
CA ALA G 22 22.24 24.61 -18.90
C ALA G 22 23.35 24.97 -17.92
N ILE G 23 24.49 24.32 -18.05
CA ILE G 23 25.59 24.60 -17.13
C ILE G 23 26.12 26.01 -17.40
N LEU G 24 26.18 26.39 -18.66
CA LEU G 24 26.59 27.72 -19.08
C LEU G 24 25.62 28.82 -18.66
N SER G 25 24.34 28.50 -18.65
CA SER G 25 23.30 29.49 -18.41
C SER G 25 23.31 30.07 -17.00
N GLU G 26 23.91 29.36 -16.06
CA GLU G 26 23.81 29.76 -14.66
C GLU G 26 25.07 30.42 -14.15
N GLU G 27 24.92 31.69 -13.81
CA GLU G 27 25.99 32.53 -13.28
C GLU G 27 26.03 32.51 -11.75
N ASP G 28 24.89 32.27 -11.12
CA ASP G 28 24.78 32.49 -9.69
C ASP G 28 24.05 31.39 -8.93
N ARG G 29 23.62 30.35 -9.64
CA ARG G 29 22.95 29.24 -8.99
C ARG G 29 23.70 27.95 -9.27
N VAL G 30 23.71 27.06 -8.28
CA VAL G 30 24.22 25.71 -8.47
C VAL G 30 23.36 25.00 -9.51
N VAL G 31 24.00 24.30 -10.44
CA VAL G 31 23.24 23.48 -11.35
C VAL G 31 23.31 22.06 -10.81
N VAL G 32 22.13 21.53 -10.47
CA VAL G 32 22.01 20.16 -10.00
C VAL G 32 21.53 19.29 -11.14
N ILE G 33 22.27 18.24 -11.43
CA ILE G 33 21.85 17.26 -12.44
C ILE G 33 21.65 15.89 -11.82
N ARG G 34 20.51 15.29 -12.08
CA ARG G 34 20.31 13.88 -11.80
C ARG G 34 20.49 13.11 -13.11
N PHE G 35 21.53 12.29 -13.17
CA PHE G 35 21.76 11.38 -14.29
C PHE G 35 21.12 10.02 -14.01
N GLY G 36 20.26 9.55 -14.92
CA GLY G 36 19.75 8.20 -14.81
C GLY G 36 18.55 7.91 -15.71
N HIS G 37 17.47 7.38 -15.14
CA HIS G 37 16.21 7.17 -15.86
C HIS G 37 15.03 7.43 -14.95
N ASP G 38 13.99 8.06 -15.50
CA ASP G 38 12.79 8.39 -14.76
C ASP G 38 12.18 7.18 -14.08
N TRP G 39 12.30 6.00 -14.71
CA TRP G 39 11.59 4.80 -14.27
C TRP G 39 12.40 3.96 -13.31
N ASP G 40 13.66 4.34 -13.10
CA ASP G 40 14.54 3.61 -12.20
C ASP G 40 14.12 3.90 -10.76
N PRO G 41 14.02 2.84 -9.94
CA PRO G 41 13.49 2.98 -8.58
C PRO G 41 14.31 3.95 -7.74
N THR G 42 15.64 3.88 -7.85
CA THR G 42 16.48 4.81 -7.10
C THR G 42 16.21 6.22 -7.59
N CYS G 43 16.22 6.41 -8.90
CA CYS G 43 15.98 7.73 -9.46
C CYS G 43 14.62 8.26 -9.05
N MET G 44 13.62 7.38 -9.00
CA MET G 44 12.29 7.82 -8.56
C MET G 44 12.31 8.40 -7.16
N LYS G 45 13.02 7.75 -6.25
CA LYS G 45 13.12 8.23 -4.88
C LYS G 45 13.82 9.58 -4.88
N MET G 46 14.90 9.67 -5.63
CA MET G 46 15.69 10.88 -5.67
C MET G 46 14.93 12.03 -6.34
N ASP G 47 14.28 11.71 -7.45
CA ASP G 47 13.49 12.70 -8.21
C ASP G 47 12.36 13.29 -7.37
N GLU G 48 11.79 12.46 -6.50
CA GLU G 48 10.71 12.91 -5.61
C GLU G 48 11.23 13.91 -4.58
N VAL G 49 12.38 13.62 -4.01
CA VAL G 49 13.06 14.58 -3.14
C VAL G 49 13.35 15.86 -3.93
N LEU G 50 13.90 15.70 -5.13
CA LEU G 50 14.35 16.84 -5.93
C LEU G 50 13.19 17.79 -6.24
N TYR G 51 12.06 17.24 -6.69
CA TYR G 51 10.93 18.09 -7.02
C TYR G 51 10.30 18.75 -5.76
N SER G 52 10.38 18.08 -4.62
CA SER G 52 9.83 18.65 -3.38
C SER G 52 10.59 19.89 -2.88
N ILE G 53 11.90 19.91 -3.08
CA ILE G 53 12.70 21.01 -2.54
C ILE G 53 13.02 22.04 -3.62
N ALA G 54 12.62 21.75 -4.85
CA ALA G 54 12.98 22.57 -5.99
C ALA G 54 12.61 24.03 -5.77
N GLU G 55 11.44 24.23 -5.16
CA GLU G 55 10.96 25.56 -4.86
C GLU G 55 11.73 26.21 -3.73
N LYS G 56 12.06 25.43 -2.71
CA LYS G 56 12.76 25.96 -1.54
C LYS G 56 14.16 26.47 -1.89
N VAL G 57 14.78 25.83 -2.89
CA VAL G 57 16.18 26.10 -3.24
C VAL G 57 16.30 27.02 -4.46
N LYS G 58 15.15 27.45 -4.98
CA LYS G 58 15.07 28.19 -6.24
C LYS G 58 16.04 29.37 -6.35
N ASN G 59 16.27 30.06 -5.23
CA ASN G 59 17.16 31.22 -5.22
C ASN G 59 18.61 30.89 -5.53
N PHE G 60 19.07 29.74 -5.06
CA PHE G 60 20.48 29.40 -5.17
C PHE G 60 20.78 28.11 -5.95
N ALA G 61 19.76 27.48 -6.51
CA ALA G 61 19.99 26.25 -7.28
C ALA G 61 18.92 25.96 -8.34
N VAL G 62 19.35 25.28 -9.39
CA VAL G 62 18.44 24.80 -10.43
C VAL G 62 18.68 23.31 -10.68
N ILE G 63 17.61 22.58 -11.00
CA ILE G 63 17.68 21.12 -11.12
C ILE G 63 17.18 20.62 -12.47
N TYR G 64 17.97 19.74 -13.08
CA TYR G 64 17.63 19.16 -14.37
C TYR G 64 17.83 17.67 -14.30
N LEU G 65 17.07 16.94 -15.09
CA LEU G 65 17.16 15.48 -15.16
C LEU G 65 17.66 15.07 -16.54
N VAL G 66 18.58 14.11 -16.56
CA VAL G 66 19.15 13.62 -17.79
C VAL G 66 19.03 12.10 -17.86
N ASP G 67 18.49 11.63 -18.98
CA ASP G 67 18.41 10.22 -19.29
C ASP G 67 19.71 9.76 -19.92
N ILE G 68 20.39 8.83 -19.24
CA ILE G 68 21.76 8.50 -19.64
C ILE G 68 21.80 7.51 -20.80
N THR G 69 20.61 7.05 -21.22
CA THR G 69 20.48 6.34 -22.48
C THR G 69 20.23 7.34 -23.62
N GLU G 70 19.35 8.31 -23.38
CA GLU G 70 19.12 9.38 -24.33
C GLU G 70 20.36 10.26 -24.52
N VAL G 71 21.04 10.60 -23.43
CA VAL G 71 22.24 11.44 -23.45
C VAL G 71 23.39 10.66 -22.81
N PRO G 72 24.04 9.79 -23.60
CA PRO G 72 25.12 8.94 -23.07
C PRO G 72 26.49 9.63 -23.04
N ASP G 73 26.59 10.86 -23.54
CA ASP G 73 27.87 11.60 -23.74
C ASP G 73 28.78 11.67 -22.52
N PHE G 74 28.18 11.66 -21.33
CA PHE G 74 28.93 11.94 -20.12
C PHE G 74 29.20 10.67 -19.30
N ASN G 75 28.73 9.54 -19.80
CA ASN G 75 28.73 8.30 -19.04
C ASN G 75 30.15 7.83 -18.68
N LYS G 76 31.04 7.87 -19.66
CA LYS G 76 32.42 7.43 -19.46
C LYS G 76 33.20 8.38 -18.56
N MET G 77 33.20 9.67 -18.87
CA MET G 77 33.94 10.65 -18.09
C MET G 77 33.40 10.88 -16.68
N TYR G 78 32.10 10.71 -16.50
CA TYR G 78 31.54 10.93 -15.18
C TYR G 78 31.34 9.60 -14.50
N GLU G 79 31.83 8.54 -15.17
CA GLU G 79 31.74 7.18 -14.65
C GLU G 79 30.34 6.84 -14.13
N LEU G 80 29.34 7.11 -14.96
CA LEU G 80 27.95 6.99 -14.56
C LEU G 80 27.47 5.53 -14.58
N TYR G 81 27.95 4.72 -13.64
CA TYR G 81 27.64 3.30 -13.63
C TYR G 81 26.73 2.89 -12.47
N ASP G 82 26.24 3.87 -11.72
CA ASP G 82 25.23 3.63 -10.70
C ASP G 82 23.89 3.98 -11.32
N PRO G 83 22.80 3.34 -10.86
CA PRO G 83 21.46 3.63 -11.42
C PRO G 83 21.07 5.11 -11.34
N CYS G 84 21.32 5.75 -10.22
CA CYS G 84 20.98 7.16 -10.03
C CYS G 84 22.20 7.95 -9.59
N THR G 85 22.45 9.06 -10.27
CA THR G 85 23.61 9.89 -9.97
C THR G 85 23.28 11.38 -9.95
N VAL G 86 23.43 11.99 -8.78
CA VAL G 86 23.30 13.43 -8.65
C VAL G 86 24.70 14.10 -8.53
N MET G 87 24.96 15.10 -9.39
CA MET G 87 26.20 15.87 -9.38
C MET G 87 25.89 17.36 -9.38
N PHE G 88 26.84 18.15 -8.86
CA PHE G 88 26.64 19.58 -8.66
C PHE G 88 27.63 20.41 -9.47
N PHE G 89 27.13 21.46 -10.12
CA PHE G 89 28.00 22.34 -10.92
C PHE G 89 27.81 23.79 -10.52
N PHE G 90 28.90 24.56 -10.52
CA PHE G 90 28.80 25.99 -10.23
C PHE G 90 29.79 26.73 -11.08
N ARG G 91 29.25 27.70 -11.82
CA ARG G 91 30.02 28.50 -12.76
C ARG G 91 30.90 27.62 -13.63
N ASN G 92 30.27 26.62 -14.24
CA ASN G 92 30.93 25.73 -15.19
C ASN G 92 32.04 24.84 -14.60
N LYS G 93 31.99 24.59 -13.29
CA LYS G 93 32.94 23.67 -12.69
C LYS G 93 32.18 22.57 -11.94
N HIS G 94 32.65 21.34 -12.07
CA HIS G 94 32.14 20.25 -11.25
C HIS G 94 32.56 20.54 -9.83
N ILE G 95 31.60 20.53 -8.92
CA ILE G 95 31.90 20.76 -7.51
C ILE G 95 31.82 19.46 -6.71
N MET G 96 32.87 19.18 -5.95
CA MET G 96 32.96 17.98 -5.14
C MET G 96 32.43 18.25 -3.73
N ILE G 97 31.89 17.23 -3.09
CA ILE G 97 31.53 17.35 -1.68
C ILE G 97 31.85 16.08 -0.92
N ASP G 98 32.49 16.25 0.23
CA ASP G 98 32.82 15.12 1.06
C ASP G 98 31.63 14.75 1.93
N LEU G 99 31.09 13.55 1.69
CA LEU G 99 29.92 13.07 2.40
C LEU G 99 30.30 11.87 3.27
N GLY G 100 31.60 11.60 3.39
CA GLY G 100 32.05 10.45 4.15
C GLY G 100 31.83 9.13 3.43
N THR G 101 31.59 9.20 2.12
CA THR G 101 31.34 7.98 1.34
C THR G 101 32.59 7.45 0.65
N GLY G 102 33.65 8.23 0.66
CA GLY G 102 34.84 7.87 -0.10
C GLY G 102 34.72 8.24 -1.57
N ASN G 103 33.59 8.80 -1.96
CA ASN G 103 33.42 9.35 -3.31
C ASN G 103 32.85 10.74 -3.18
N ASN G 104 33.70 11.74 -3.40
CA ASN G 104 33.30 13.13 -3.25
C ASN G 104 32.75 13.74 -4.54
N ASN G 105 32.58 12.91 -5.58
CA ASN G 105 32.23 13.45 -6.90
C ASN G 105 30.74 13.40 -7.23
N LYS G 106 30.00 12.60 -6.46
CA LYS G 106 28.60 12.33 -6.77
C LYS G 106 27.81 11.83 -5.56
N ILE G 107 26.51 12.03 -5.59
CA ILE G 107 25.64 11.30 -4.69
C ILE G 107 25.02 10.18 -5.49
N ASN G 108 25.45 8.95 -5.24
CA ASN G 108 24.96 7.82 -6.03
C ASN G 108 24.02 6.90 -5.26
N TRP G 109 23.30 7.46 -4.30
CA TRP G 109 22.24 6.73 -3.62
C TRP G 109 21.04 7.66 -3.47
N ALA G 110 19.86 7.09 -3.28
CA ALA G 110 18.65 7.86 -3.03
C ALA G 110 18.58 8.39 -1.59
N MET G 111 18.61 9.70 -1.44
CA MET G 111 18.55 10.36 -0.14
C MET G 111 17.13 10.76 0.27
N GLU G 112 16.58 10.04 1.24
CA GLU G 112 15.17 10.20 1.62
C GLU G 112 14.87 11.50 2.36
N ASP G 113 15.79 11.92 3.22
CA ASP G 113 15.62 13.15 3.96
C ASP G 113 15.74 14.35 3.03
N LYS G 114 14.58 14.91 2.68
CA LYS G 114 14.48 16.10 1.85
C LYS G 114 15.33 17.23 2.40
N GLN G 115 15.27 17.43 3.71
CA GLN G 115 16.00 18.51 4.36
C GLN G 115 17.51 18.32 4.28
N GLU G 116 17.97 17.07 4.29
CA GLU G 116 19.40 16.78 4.19
C GLU G 116 19.94 17.16 2.83
N MET G 117 19.07 17.14 1.82
CA MET G 117 19.45 17.47 0.46
C MET G 117 19.51 18.98 0.26
N VAL G 118 18.64 19.70 0.98
CA VAL G 118 18.67 21.16 0.96
C VAL G 118 19.95 21.66 1.62
N ASP G 119 20.26 21.10 2.78
CA ASP G 119 21.49 21.45 3.49
C ASP G 119 22.71 21.23 2.61
N ILE G 120 22.77 20.06 1.97
CA ILE G 120 23.86 19.73 1.04
C ILE G 120 23.98 20.77 -0.08
N ILE G 121 22.84 21.08 -0.71
CA ILE G 121 22.78 22.05 -1.80
C ILE G 121 23.24 23.44 -1.35
N GLU G 122 22.82 23.83 -0.15
CA GLU G 122 23.26 25.09 0.47
C GLU G 122 24.76 25.08 0.71
N THR G 123 25.27 23.97 1.24
CA THR G 123 26.71 23.86 1.52
C THR G 123 27.51 23.96 0.22
N VAL G 124 26.95 23.39 -0.84
CA VAL G 124 27.62 23.44 -2.13
C VAL G 124 27.64 24.89 -2.59
N TYR G 125 26.49 25.55 -2.53
CA TYR G 125 26.37 26.95 -2.94
C TYR G 125 27.25 27.92 -2.13
N ARG G 126 27.30 27.74 -0.82
CA ARG G 126 28.16 28.59 0.02
C ARG G 126 29.65 28.43 -0.34
N GLY G 127 30.11 27.19 -0.38
CA GLY G 127 31.49 26.88 -0.70
C GLY G 127 31.93 27.29 -2.09
N ALA G 128 31.16 26.89 -3.11
CA ALA G 128 31.54 27.18 -4.49
C ALA G 128 31.51 28.69 -4.78
N ARG G 129 30.64 29.41 -4.08
CA ARG G 129 30.54 30.86 -4.23
C ARG G 129 31.82 31.53 -3.70
N LYS G 130 32.59 30.77 -2.92
CA LYS G 130 33.85 31.23 -2.35
C LYS G 130 35.06 30.56 -3.01
N GLY G 131 34.87 30.07 -4.23
CA GLY G 131 35.95 29.47 -4.99
C GLY G 131 36.41 28.08 -4.55
N ARG G 132 35.71 27.47 -3.60
CA ARG G 132 36.03 26.09 -3.22
C ARG G 132 35.67 25.11 -4.34
N GLY G 133 36.55 24.15 -4.59
CA GLY G 133 36.27 23.04 -5.49
C GLY G 133 35.80 21.82 -4.73
N LEU G 134 36.13 21.78 -3.44
CA LEU G 134 35.69 20.72 -2.52
C LEU G 134 35.12 21.34 -1.25
N VAL G 135 33.91 20.93 -0.89
CA VAL G 135 33.27 21.36 0.35
C VAL G 135 32.99 20.14 1.22
N VAL G 136 32.68 20.38 2.50
CA VAL G 136 32.34 19.30 3.41
C VAL G 136 30.86 19.38 3.79
N SER G 137 30.17 18.24 3.66
CA SER G 137 28.75 18.18 4.00
C SER G 137 28.54 18.43 5.49
N PRO G 138 27.32 18.89 5.86
CA PRO G 138 26.99 19.03 7.27
C PRO G 138 27.06 17.69 7.98
N LYS G 139 26.47 16.67 7.37
CA LYS G 139 26.41 15.34 7.99
C LYS G 139 27.28 14.30 7.28
N ASP G 140 27.86 13.41 8.07
CA ASP G 140 28.62 12.28 7.55
C ASP G 140 27.65 11.20 7.09
N TYR G 141 28.02 10.45 6.05
CA TYR G 141 27.16 9.41 5.51
C TYR G 141 27.88 8.07 5.36
N SER G 142 28.92 7.84 6.17
CA SER G 142 29.71 6.61 6.07
C SER G 142 28.89 5.36 6.38
N PRO H 16 46.39 15.57 1.90
CA PRO H 16 45.62 14.38 1.48
C PRO H 16 46.15 13.80 0.17
N LEU H 17 47.14 12.92 0.26
CA LEU H 17 47.86 12.42 -0.93
C LEU H 17 46.92 11.75 -1.93
N PHE H 18 47.11 12.06 -3.21
CA PHE H 18 46.31 11.45 -4.28
C PHE H 18 44.82 11.64 -4.11
N GLN H 19 44.40 12.80 -3.63
CA GLN H 19 42.97 13.02 -3.43
C GLN H 19 42.17 13.07 -4.73
N GLN H 20 40.93 12.62 -4.66
CA GLN H 20 40.02 12.65 -5.78
C GLN H 20 39.90 14.06 -6.40
N ARG H 21 39.92 14.10 -7.73
CA ARG H 21 39.90 15.37 -8.47
C ARG H 21 38.56 15.57 -9.19
N PRO H 22 38.18 16.85 -9.40
CA PRO H 22 36.90 17.14 -10.07
C PRO H 22 36.88 16.60 -11.48
N TYR H 23 35.69 16.22 -11.95
CA TYR H 23 35.49 15.85 -13.34
C TYR H 23 35.52 17.13 -14.20
N PRO H 24 35.79 16.99 -15.51
CA PRO H 24 35.74 18.17 -16.39
C PRO H 24 34.31 18.69 -16.57
N SER H 25 34.17 19.92 -17.07
CA SER H 25 32.84 20.49 -17.28
C SER H 25 32.18 19.79 -18.46
N PRO H 26 30.84 19.80 -18.53
CA PRO H 26 30.17 19.08 -19.62
C PRO H 26 30.65 19.52 -21.00
N GLY H 27 30.85 20.81 -21.21
CA GLY H 27 31.42 21.28 -22.45
C GLY H 27 32.79 20.69 -22.75
N ALA H 28 33.59 20.51 -21.70
CA ALA H 28 34.94 19.93 -21.85
C ALA H 28 34.88 18.45 -22.22
N VAL H 29 33.91 17.73 -21.64
CA VAL H 29 33.71 16.33 -21.97
C VAL H 29 33.29 16.22 -23.42
N LEU H 30 32.28 16.99 -23.80
CA LEU H 30 31.89 17.09 -25.22
C LEU H 30 33.06 17.38 -26.17
N ARG H 31 33.90 18.34 -25.82
CA ARG H 31 35.07 18.67 -26.66
C ARG H 31 36.01 17.46 -26.74
N ALA H 32 36.29 16.85 -25.59
CA ALA H 32 37.10 15.63 -25.56
C ALA H 32 36.51 14.52 -26.45
N ASN H 33 35.21 14.27 -26.31
CA ASN H 33 34.52 13.33 -27.21
C ASN H 33 34.73 13.70 -28.68
N ALA H 34 34.47 14.96 -29.03
CA ALA H 34 34.63 15.40 -30.43
C ALA H 34 36.07 15.19 -30.94
N GLU H 35 37.06 15.51 -30.09
CA GLU H 35 38.47 15.30 -30.44
C GLU H 35 38.75 13.83 -30.69
N ALA H 36 38.13 12.98 -29.88
CA ALA H 36 38.36 11.54 -29.94
C ALA H 36 37.80 10.92 -31.22
N SER H 37 36.64 11.39 -31.66
CA SER H 37 36.07 10.90 -32.92
C SER H 37 36.91 11.32 -34.11
N ARG H 38 37.48 12.52 -34.04
CA ARG H 38 38.26 13.03 -35.17
C ARG H 38 39.47 12.15 -35.41
N THR H 39 40.17 11.84 -34.32
CA THR H 39 41.36 11.01 -34.34
C THR H 39 41.08 9.59 -34.82
N LYS H 40 39.95 9.05 -34.39
CA LYS H 40 39.54 7.70 -34.78
C LYS H 40 39.32 7.58 -36.29
N GLN H 41 38.92 8.68 -36.92
CA GLN H 41 38.63 8.68 -38.35
C GLN H 41 39.86 8.96 -39.21
#